data_5C0L
#
_entry.id   5C0L
#
_cell.length_a   71.571
_cell.length_b   71.571
_cell.length_c   105.666
_cell.angle_alpha   90.00
_cell.angle_beta   90.00
_cell.angle_gamma   90.00
#
_symmetry.space_group_name_H-M   'P 41 2 2'
#
loop_
_entity.id
_entity.type
_entity.pdbx_description
1 polymer 'E3 ubiquitin-protein ligase XIAP'
2 non-polymer 'ZINC ION'
3 non-polymer 4-(4-bromo-1H-pyrazol-1-yl)piperidinium
4 water water
#
_entity_poly.entity_id   1
_entity_poly.type   'polypeptide(L)'
_entity_poly.pdbx_seq_one_letter_code
;GSHMNFPNSTNLPRNPSMADYEARIFTFGTWIYSVNKEQLARAGFYALGEGDKVKCFHCGGGLTDWKPSEDPWEQHAKWY
PGCKYLLEQKGQEYINNIHLTHSLEECLVR
;
_entity_poly.pdbx_strand_id   A
#
loop_
_chem_comp.id
_chem_comp.type
_chem_comp.name
_chem_comp.formula
4WJ non-polymer 4-(4-bromo-1H-pyrazol-1-yl)piperidinium 'C8 H13 Br N3 1'
ZN non-polymer 'ZINC ION' 'Zn 2'
#
# COMPACT_ATOMS: atom_id res chain seq x y z
N ASN A 5 13.69 1.97 -9.49
CA ASN A 5 13.21 0.56 -9.55
C ASN A 5 11.74 0.43 -9.98
N PHE A 6 11.48 -0.25 -11.10
CA PHE A 6 10.11 -0.31 -11.67
C PHE A 6 9.12 -1.13 -10.83
N PRO A 7 7.81 -0.79 -10.88
CA PRO A 7 6.85 -1.59 -10.08
C PRO A 7 6.49 -2.96 -10.74
N ASN A 8 6.34 -3.99 -9.91
CA ASN A 8 5.99 -5.33 -10.36
C ASN A 8 4.50 -5.44 -10.68
N SER A 9 4.19 -5.70 -11.94
CA SER A 9 2.80 -5.85 -12.38
C SER A 9 2.43 -7.26 -12.78
N THR A 10 3.29 -8.23 -12.47
CA THR A 10 3.00 -9.64 -12.75
C THR A 10 2.12 -10.18 -11.62
N ASN A 11 1.64 -11.41 -11.78
CA ASN A 11 0.83 -12.07 -10.74
C ASN A 11 1.68 -12.71 -9.65
N LEU A 12 2.99 -12.59 -9.78
CA LEU A 12 3.94 -13.17 -8.84
C LEU A 12 4.56 -12.10 -7.94
N PRO A 13 4.53 -12.31 -6.61
CA PRO A 13 5.05 -11.33 -5.67
C PRO A 13 6.57 -11.17 -5.73
N ARG A 14 7.02 -9.92 -5.62
CA ARG A 14 8.42 -9.57 -5.61
C ARG A 14 9.14 -10.07 -4.34
N ASN A 15 8.44 -10.02 -3.21
CA ASN A 15 9.02 -10.50 -1.96
C ASN A 15 8.13 -11.58 -1.34
N PRO A 16 8.23 -12.84 -1.83
CA PRO A 16 7.39 -13.91 -1.27
C PRO A 16 7.59 -14.24 0.23
N SER A 17 8.76 -13.95 0.81
CA SER A 17 8.96 -14.11 2.26
C SER A 17 8.04 -13.21 3.14
N MET A 18 7.49 -12.16 2.52
CA MET A 18 6.52 -11.27 3.14
C MET A 18 5.06 -11.48 2.66
N ALA A 19 4.78 -12.65 2.07
CA ALA A 19 3.44 -12.96 1.55
C ALA A 19 2.38 -13.22 2.63
N ASP A 20 2.79 -13.75 3.77
CA ASP A 20 1.86 -13.97 4.88
C ASP A 20 1.66 -12.67 5.68
N TYR A 21 0.42 -12.41 6.06
CA TYR A 21 0.07 -11.29 6.95
C TYR A 21 0.94 -11.25 8.22
N GLU A 22 1.00 -12.36 8.95
CA GLU A 22 1.78 -12.45 10.20
C GLU A 22 3.26 -12.08 10.03
N ALA A 23 3.87 -12.53 8.93
CA ALA A 23 5.26 -12.19 8.61
C ALA A 23 5.47 -10.67 8.48
N ARG A 24 4.56 -10.03 7.73
CA ARG A 24 4.55 -8.57 7.60
C ARG A 24 4.42 -7.85 8.95
N ILE A 25 3.52 -8.34 9.82
CA ILE A 25 3.29 -7.73 11.13
C ILE A 25 4.55 -7.66 12.01
N PHE A 26 5.39 -8.69 12.00
CA PHE A 26 6.63 -8.68 12.78
C PHE A 26 7.60 -7.55 12.39
N THR A 27 7.54 -7.06 11.15
CA THR A 27 8.50 -6.09 10.68
C THR A 27 8.38 -4.71 11.36
N PHE A 28 7.18 -4.38 11.84
CA PHE A 28 6.89 -3.04 12.38
C PHE A 28 7.49 -2.82 13.77
N GLY A 29 7.37 -3.83 14.63
CA GLY A 29 7.72 -3.70 16.05
C GLY A 29 6.75 -2.73 16.69
N THR A 30 7.21 -1.99 17.70
CA THR A 30 6.44 -0.89 18.26
C THR A 30 6.39 0.24 17.23
N TRP A 31 5.17 0.65 16.90
CA TRP A 31 4.90 1.52 15.74
C TRP A 31 4.27 2.79 16.25
N ILE A 32 4.98 3.90 16.15
CA ILE A 32 4.51 5.16 16.76
C ILE A 32 3.75 6.02 15.74
N TYR A 33 3.78 5.58 14.49
CA TYR A 33 3.34 6.40 13.37
C TYR A 33 1.82 6.48 13.26
N SER A 34 1.33 7.46 12.50
CA SER A 34 -0.08 7.87 12.58
C SER A 34 -1.04 6.86 11.94
N VAL A 35 -0.53 6.05 11.02
CA VAL A 35 -1.33 5.00 10.40
C VAL A 35 -1.10 3.67 11.11
N ASN A 36 -2.23 3.01 11.41
CA ASN A 36 -2.35 1.69 12.03
C ASN A 36 -1.52 0.58 11.31
N LYS A 37 -0.72 -0.18 12.07
CA LYS A 37 0.14 -1.20 11.48
C LYS A 37 -0.63 -2.41 10.94
N GLU A 38 -1.67 -2.83 11.67
CA GLU A 38 -2.58 -3.88 11.22
C GLU A 38 -3.17 -3.53 9.84
N GLN A 39 -3.66 -2.29 9.70
CA GLN A 39 -4.20 -1.81 8.44
C GLN A 39 -3.20 -1.81 7.32
N LEU A 40 -1.95 -1.45 7.64
CA LEU A 40 -0.88 -1.42 6.66
C LEU A 40 -0.55 -2.82 6.18
N ALA A 41 -0.47 -3.75 7.12
CA ALA A 41 -0.16 -5.14 6.84
C ALA A 41 -1.25 -5.81 6.00
N ARG A 42 -2.51 -5.55 6.35
CA ARG A 42 -3.67 -6.03 5.60
C ARG A 42 -3.64 -5.57 4.14
N ALA A 43 -3.14 -4.34 3.90
CA ALA A 43 -2.99 -3.77 2.57
C ALA A 43 -1.72 -4.24 1.83
N GLY A 44 -1.04 -5.24 2.39
CA GLY A 44 0.11 -5.84 1.72
C GLY A 44 1.45 -5.28 2.11
N PHE A 45 1.46 -4.35 3.07
CA PHE A 45 2.66 -3.64 3.43
C PHE A 45 3.42 -4.21 4.63
N TYR A 46 4.75 -4.12 4.55
CA TYR A 46 5.66 -4.44 5.65
C TYR A 46 6.59 -3.24 5.85
N ALA A 47 7.14 -3.11 7.06
CA ALA A 47 8.02 -1.99 7.41
C ALA A 47 9.48 -2.22 7.01
N LEU A 48 10.16 -1.13 6.65
CA LEU A 48 11.56 -1.19 6.31
C LEU A 48 12.47 -0.83 7.47
N GLY A 49 11.89 -0.20 8.50
CA GLY A 49 12.62 0.29 9.67
C GLY A 49 13.22 1.68 9.47
N GLU A 50 12.78 2.39 8.43
CA GLU A 50 13.26 3.75 8.09
C GLU A 50 12.09 4.72 8.30
N GLY A 51 11.90 5.21 9.52
CA GLY A 51 10.72 6.01 9.84
C GLY A 51 9.45 5.23 9.53
N ASP A 52 8.49 5.85 8.83
CA ASP A 52 7.24 5.16 8.47
C ASP A 52 7.22 4.61 7.04
N LYS A 53 8.38 4.42 6.46
CA LYS A 53 8.54 3.83 5.13
C LYS A 53 8.07 2.35 5.12
N VAL A 54 7.12 2.03 4.25
CA VAL A 54 6.64 0.65 4.06
C VAL A 54 6.79 0.22 2.59
N LYS A 55 6.84 -1.09 2.34
CA LYS A 55 6.92 -1.62 0.99
C LYS A 55 5.85 -2.69 0.83
N CYS A 56 5.18 -2.75 -0.33
CA CYS A 56 4.24 -3.84 -0.64
C CYS A 56 5.05 -5.06 -1.04
N PHE A 57 4.68 -6.21 -0.48
CA PHE A 57 5.34 -7.48 -0.74
C PHE A 57 5.21 -7.93 -2.21
N HIS A 58 4.10 -7.56 -2.84
CA HIS A 58 3.78 -8.03 -4.18
C HIS A 58 4.38 -7.13 -5.23
N CYS A 59 3.98 -5.85 -5.26
CA CYS A 59 4.43 -4.92 -6.29
C CYS A 59 5.80 -4.31 -6.03
N GLY A 60 6.25 -4.35 -4.78
CA GLY A 60 7.51 -3.72 -4.40
C GLY A 60 7.37 -2.23 -4.12
N GLY A 61 6.15 -1.71 -4.25
CA GLY A 61 5.92 -0.28 -4.14
C GLY A 61 6.18 0.28 -2.75
N GLY A 62 7.01 1.33 -2.69
CA GLY A 62 7.33 2.04 -1.45
C GLY A 62 6.46 3.27 -1.19
N LEU A 63 6.07 3.43 0.09
CA LEU A 63 5.28 4.57 0.53
C LEU A 63 5.79 5.14 1.84
N THR A 64 5.81 6.46 1.94
CA THR A 64 6.44 7.15 3.06
C THR A 64 5.65 8.38 3.56
N ASP A 65 6.02 8.93 4.71
CA ASP A 65 5.45 10.18 5.25
C ASP A 65 3.93 10.15 5.35
N TRP A 66 3.45 9.22 6.16
CA TRP A 66 2.03 8.99 6.36
C TRP A 66 1.38 10.06 7.24
N LYS A 67 0.24 10.57 6.80
CA LYS A 67 -0.61 11.50 7.55
C LYS A 67 -1.77 10.69 8.16
N PRO A 68 -2.34 11.14 9.32
CA PRO A 68 -3.38 10.31 9.99
C PRO A 68 -4.66 10.05 9.19
N SER A 69 -5.02 10.98 8.30
CA SER A 69 -6.22 10.83 7.46
C SER A 69 -6.05 9.90 6.23
N GLU A 70 -4.82 9.47 5.93
CA GLU A 70 -4.56 8.67 4.73
C GLU A 70 -4.89 7.19 4.93
N ASP A 71 -5.39 6.55 3.87
CA ASP A 71 -5.77 5.13 3.92
C ASP A 71 -4.76 4.28 3.14
N PRO A 72 -4.19 3.23 3.79
CA PRO A 72 -3.26 2.29 3.12
C PRO A 72 -3.73 1.73 1.77
N TRP A 73 -4.96 1.23 1.68
CA TRP A 73 -5.49 0.71 0.39
C TRP A 73 -5.60 1.81 -0.67
N GLU A 74 -6.11 2.98 -0.28
CA GLU A 74 -6.19 4.12 -1.19
C GLU A 74 -4.82 4.56 -1.73
N GLN A 75 -3.85 4.66 -0.82
CA GLN A 75 -2.50 5.07 -1.20
C GLN A 75 -1.86 4.06 -2.14
N HIS A 76 -2.00 2.78 -1.80
CA HIS A 76 -1.61 1.65 -2.63
C HIS A 76 -2.16 1.80 -4.07
N ALA A 77 -3.47 2.02 -4.20
CA ALA A 77 -4.09 2.25 -5.50
C ALA A 77 -3.60 3.52 -6.20
N LYS A 78 -3.35 4.56 -5.43
CA LYS A 78 -2.92 5.83 -6.00
C LYS A 78 -1.55 5.69 -6.68
N TRP A 79 -0.58 5.12 -5.97
CA TRP A 79 0.79 5.14 -6.42
C TRP A 79 1.24 3.87 -7.15
N TYR A 80 0.57 2.75 -6.86
CA TYR A 80 0.88 1.47 -7.49
C TYR A 80 -0.36 0.80 -8.10
N PRO A 81 -1.02 1.48 -9.08
CA PRO A 81 -2.30 0.98 -9.60
C PRO A 81 -2.18 -0.32 -10.41
N GLY A 82 -0.97 -0.70 -10.81
CA GLY A 82 -0.73 -1.95 -11.52
C GLY A 82 -0.49 -3.17 -10.64
N CYS A 83 -0.62 -3.03 -9.32
CA CYS A 83 -0.37 -4.11 -8.37
C CYS A 83 -1.42 -5.21 -8.43
N LYS A 84 -0.98 -6.44 -8.65
CA LYS A 84 -1.92 -7.55 -8.76
C LYS A 84 -2.51 -8.03 -7.42
N TYR A 85 -1.77 -7.86 -6.32
CA TYR A 85 -2.32 -8.09 -4.98
C TYR A 85 -3.53 -7.17 -4.71
N LEU A 86 -3.31 -5.86 -4.90
CA LEU A 86 -4.36 -4.85 -4.88
C LEU A 86 -5.61 -5.23 -5.70
N LEU A 87 -5.42 -5.60 -6.97
CA LEU A 87 -6.52 -6.04 -7.83
C LEU A 87 -7.22 -7.28 -7.30
N GLU A 88 -6.47 -8.21 -6.73
CA GLU A 88 -7.04 -9.41 -6.17
C GLU A 88 -7.95 -9.07 -4.98
N GLN A 89 -7.41 -8.32 -4.01
CA GLN A 89 -8.09 -8.03 -2.78
C GLN A 89 -9.28 -7.07 -2.92
N LYS A 90 -9.19 -6.11 -3.84
CA LYS A 90 -10.18 -5.01 -3.88
C LYS A 90 -11.11 -4.99 -5.06
N GLY A 91 -10.68 -5.55 -6.20
CA GLY A 91 -11.48 -5.55 -7.43
C GLY A 91 -11.23 -4.33 -8.27
N GLN A 92 -11.62 -4.37 -9.54
CA GLN A 92 -11.33 -3.24 -10.45
C GLN A 92 -12.31 -2.06 -10.19
N GLU A 93 -13.54 -2.37 -9.78
CA GLU A 93 -14.47 -1.28 -9.47
C GLU A 93 -13.96 -0.33 -8.35
N TYR A 94 -13.57 -0.91 -7.22
CA TYR A 94 -12.94 -0.14 -6.14
C TYR A 94 -11.80 0.71 -6.67
N ILE A 95 -10.92 0.09 -7.45
CA ILE A 95 -9.71 0.74 -7.96
C ILE A 95 -10.07 1.91 -8.86
N ASN A 96 -11.06 1.71 -9.73
CA ASN A 96 -11.61 2.78 -10.55
C ASN A 96 -12.09 3.96 -9.76
N ASN A 97 -12.90 3.70 -8.70
CA ASN A 97 -13.42 4.74 -7.78
C ASN A 97 -12.29 5.55 -7.20
N ILE A 98 -11.28 4.88 -6.64
CA ILE A 98 -10.15 5.60 -6.04
C ILE A 98 -9.44 6.55 -7.02
N HIS A 99 -9.17 6.06 -8.23
CA HIS A 99 -8.51 6.87 -9.25
C HIS A 99 -9.32 8.08 -9.60
N LEU A 100 -10.60 7.85 -9.91
CA LEU A 100 -11.54 8.91 -10.17
C LEU A 100 -11.64 9.92 -9.02
N THR A 101 -11.67 9.44 -7.78
CA THR A 101 -11.72 10.32 -6.59
C THR A 101 -10.52 11.24 -6.52
N HIS A 102 -9.33 10.68 -6.69
CA HIS A 102 -8.08 11.43 -6.61
C HIS A 102 -7.87 12.42 -7.77
N SER A 103 -8.06 11.93 -8.99
CA SER A 103 -8.04 12.76 -10.18
C SER A 103 -9.01 13.94 -10.09
N LEU A 104 -10.18 13.71 -9.48
CA LEU A 104 -11.16 14.79 -9.27
C LEU A 104 -10.74 15.69 -8.12
N GLU A 105 -10.13 15.10 -7.09
CA GLU A 105 -9.62 15.86 -5.94
C GLU A 105 -8.64 16.96 -6.35
N GLU A 106 -7.84 16.68 -7.40
CA GLU A 106 -7.04 17.73 -8.07
C GLU A 106 -7.90 18.94 -8.49
N CYS A 107 -8.78 18.77 -9.48
CA CYS A 107 -9.63 19.89 -9.96
C CYS A 107 -10.76 20.26 -8.99
N LEU A 108 -10.43 20.34 -7.70
CA LEU A 108 -11.33 20.77 -6.62
C LEU A 108 -10.79 22.10 -6.11
N VAL A 109 -9.49 22.10 -5.79
CA VAL A 109 -8.74 23.28 -5.36
C VAL A 109 -7.54 23.53 -6.30
N ARG A 110 -6.77 22.46 -6.57
CA ARG A 110 -5.63 22.48 -7.52
C ARG A 110 -6.08 22.83 -8.95
ZN ZN B . 1.34 -3.75 -4.22
C2 4WJ C . 5.11 7.80 -2.66
C3 4WJ C . 5.85 7.72 -1.51
N4 4WJ C . 5.15 8.17 -0.49
C6 4WJ C . 3.93 8.31 -2.36
C7 4WJ C . 2.88 9.10 -0.22
C8 4WJ C . 2.38 8.07 0.80
C11 4WJ C . 2.22 10.93 1.36
C12 4WJ C . 3.30 10.40 0.43
BR1 4WJ C . 5.61 7.30 -4.40
N5 4WJ C . 3.96 8.53 -1.04
C9 4WJ C . 1.34 8.66 1.74
N10 4WJ C . 1.87 9.90 2.38
H13 4WJ C . 6.73 7.39 -1.44
H14 4WJ C . 3.23 8.48 -2.93
H15 4WJ C . 2.13 9.29 -0.83
H17 4WJ C . 2.00 7.30 0.33
H16 4WJ C . 3.14 7.74 1.33
H23 4WJ C . 1.42 11.15 0.85
H22 4WJ C . 2.53 11.73 1.82
H25 4WJ C . 3.48 11.07 -0.26
H24 4WJ C . 4.11 10.26 0.94
H19 4WJ C . 0.53 8.86 1.25
H18 4WJ C . 1.12 8.01 2.44
H20 4WJ C . 2.61 9.69 2.87
H21 4WJ C . 1.25 10.22 2.94
#